data_1EVX
#
_entry.id   1EVX
#
_cell.length_a   52.800
_cell.length_b   52.800
_cell.length_c   278.800
_cell.angle_alpha   90.00
_cell.angle_beta   90.00
_cell.angle_gamma   90.00
#
_symmetry.space_group_name_H-M   'P 41 21 2'
#
loop_
_entity.id
_entity.type
_entity.pdbx_description
1 polymer 'INTRON-ENCODED HOMING ENDONUCLEASE I-PPOI'
2 non-polymer 'ZINC ION'
3 non-polymer 'SULFATE ION'
4 water water
#
_entity_poly.entity_id   1
_entity_poly.type   'polypeptide(L)'
_entity_poly.pdbx_seq_one_letter_code
;ALTNAQILAVIDSWEETVGQFPVITHHVPLGGGLQGTLHCYEIPLAAPYGVGFAKNGPTRWQYKRTINQVVHRWGSHTVP
FLLEPDNINGKTCTASHLCHNTRCHNPLHLCWESLDDNKGRNWCPGPNGGCVHAVVCLRQGPLYGPGATVAGPQQRGSHF
VV
;
_entity_poly.pdbx_strand_id   A,B
#
loop_
_chem_comp.id
_chem_comp.type
_chem_comp.name
_chem_comp.formula
SO4 non-polymer 'SULFATE ION' 'O4 S -2'
ZN non-polymer 'ZINC ION' 'Zn 2'
#
# COMPACT_ATOMS: atom_id res chain seq x y z
N ALA A 1 16.73 -24.42 17.09
CA ALA A 1 17.93 -23.56 16.87
C ALA A 1 19.00 -24.34 16.12
N LEU A 2 19.01 -24.19 14.80
CA LEU A 2 19.99 -24.88 13.97
C LEU A 2 21.33 -24.16 13.99
N THR A 3 22.40 -24.90 13.82
CA THR A 3 23.73 -24.30 13.80
C THR A 3 23.84 -23.50 12.51
N ASN A 4 24.86 -22.66 12.44
CA ASN A 4 25.07 -21.86 11.25
C ASN A 4 25.28 -22.79 10.06
N ALA A 5 26.02 -23.88 10.27
CA ALA A 5 26.30 -24.84 9.20
C ALA A 5 25.03 -25.47 8.65
N GLN A 6 24.14 -25.90 9.55
CA GLN A 6 22.90 -26.53 9.14
C GLN A 6 22.03 -25.59 8.31
N ILE A 7 22.05 -24.31 8.66
CA ILE A 7 21.26 -23.32 7.93
C ILE A 7 21.83 -23.10 6.52
N LEU A 8 23.16 -23.10 6.41
CA LEU A 8 23.81 -22.92 5.11
C LEU A 8 23.45 -24.10 4.22
N ALA A 9 23.36 -25.29 4.81
CA ALA A 9 23.02 -26.48 4.06
C ALA A 9 21.57 -26.40 3.55
N VAL A 10 20.70 -25.79 4.33
CA VAL A 10 19.30 -25.62 3.96
C VAL A 10 19.19 -24.64 2.79
N ILE A 11 19.90 -23.53 2.87
CA ILE A 11 19.88 -22.53 1.82
C ILE A 11 20.46 -23.11 0.52
N ASP A 12 21.56 -23.86 0.64
CA ASP A 12 22.20 -24.44 -0.53
C ASP A 12 21.29 -25.44 -1.25
N SER A 13 20.62 -26.29 -0.49
CA SER A 13 19.72 -27.27 -1.10
C SER A 13 18.52 -26.52 -1.68
N TRP A 14 18.07 -25.48 -0.98
CA TRP A 14 16.93 -24.69 -1.46
C TRP A 14 17.31 -24.05 -2.79
N GLU A 15 18.49 -23.45 -2.84
CA GLU A 15 18.98 -22.78 -4.05
C GLU A 15 19.08 -23.71 -5.25
N GLU A 16 19.60 -24.91 -5.02
CA GLU A 16 19.75 -25.88 -6.09
C GLU A 16 18.39 -26.31 -6.65
N THR A 17 17.44 -26.55 -5.76
CA THR A 17 16.12 -26.98 -6.21
C THR A 17 15.38 -25.85 -6.94
N VAL A 18 15.39 -24.65 -6.36
CA VAL A 18 14.72 -23.51 -6.98
C VAL A 18 15.41 -23.19 -8.30
N GLY A 19 16.71 -23.47 -8.37
CA GLY A 19 17.47 -23.23 -9.58
C GLY A 19 17.00 -24.09 -10.74
N GLN A 20 16.27 -25.16 -10.45
CA GLN A 20 15.74 -26.06 -11.48
C GLN A 20 14.30 -25.71 -11.82
N PHE A 21 13.80 -24.62 -11.24
CA PHE A 21 12.44 -24.15 -11.51
C PHE A 21 12.39 -23.56 -12.91
N PRO A 22 11.30 -23.79 -13.66
CA PRO A 22 11.22 -23.24 -15.01
C PRO A 22 11.48 -21.72 -14.96
N VAL A 23 12.32 -21.23 -15.88
CA VAL A 23 12.65 -19.81 -15.94
C VAL A 23 11.79 -19.06 -16.95
N ILE A 24 11.03 -18.08 -16.47
CA ILE A 24 10.19 -17.28 -17.33
C ILE A 24 10.81 -15.90 -17.50
N THR A 25 10.90 -15.45 -18.74
CA THR A 25 11.46 -14.13 -19.02
C THR A 25 10.33 -13.13 -19.16
N HIS A 26 10.34 -12.15 -18.26
CA HIS A 26 9.32 -11.09 -18.25
C HIS A 26 9.98 -9.76 -18.58
N HIS A 27 9.30 -8.97 -19.41
CA HIS A 27 9.80 -7.66 -19.77
C HIS A 27 8.91 -6.74 -18.97
N VAL A 28 9.53 -5.90 -18.15
CA VAL A 28 8.79 -5.04 -17.25
C VAL A 28 9.16 -3.57 -17.28
N PRO A 29 8.22 -2.70 -16.84
CA PRO A 29 8.48 -1.27 -16.82
C PRO A 29 9.53 -0.95 -15.75
N LEU A 30 10.48 -0.10 -16.11
CA LEU A 30 11.55 0.28 -15.20
C LEU A 30 11.33 1.71 -14.68
N GLY A 31 10.41 2.42 -15.32
CA GLY A 31 10.14 3.81 -14.97
C GLY A 31 10.91 4.60 -16.01
N GLY A 32 10.57 5.88 -16.19
CA GLY A 32 11.26 6.69 -17.18
C GLY A 32 11.01 6.23 -18.62
N GLY A 33 9.92 5.51 -18.83
CA GLY A 33 9.57 5.04 -20.16
C GLY A 33 10.39 3.85 -20.63
N LEU A 34 11.35 3.41 -19.82
CA LEU A 34 12.21 2.28 -20.18
C LEU A 34 11.65 0.94 -19.73
N GLN A 35 12.09 -0.11 -20.41
CA GLN A 35 11.65 -1.47 -20.10
C GLN A 35 12.88 -2.32 -19.80
N GLY A 36 12.71 -3.34 -18.96
CA GLY A 36 13.81 -4.19 -18.61
C GLY A 36 13.44 -5.67 -18.69
N THR A 37 14.42 -6.54 -18.52
CA THR A 37 14.21 -7.98 -18.58
C THR A 37 14.47 -8.66 -17.23
N LEU A 38 13.50 -9.45 -16.77
CA LEU A 38 13.65 -10.18 -15.52
C LEU A 38 13.44 -11.67 -15.77
N HIS A 39 14.25 -12.50 -15.10
CA HIS A 39 14.13 -13.95 -15.22
C HIS A 39 13.63 -14.52 -13.92
N CYS A 40 12.34 -14.84 -13.89
CA CYS A 40 11.73 -15.39 -12.70
C CYS A 40 11.81 -16.90 -12.73
N TYR A 41 12.08 -17.50 -11.56
CA TYR A 41 12.16 -18.94 -11.42
C TYR A 41 10.86 -19.35 -10.70
N GLU A 42 9.88 -19.77 -11.50
CA GLU A 42 8.55 -20.12 -11.01
C GLU A 42 8.29 -21.54 -10.56
N ILE A 43 7.71 -21.64 -9.36
CA ILE A 43 7.36 -22.91 -8.76
C ILE A 43 6.15 -23.42 -9.56
N PRO A 44 6.16 -24.72 -9.92
CA PRO A 44 5.06 -25.30 -10.69
C PRO A 44 3.68 -25.01 -10.10
N LEU A 45 2.67 -25.08 -10.96
CA LEU A 45 1.28 -24.83 -10.57
C LEU A 45 0.66 -25.99 -9.79
N ALA A 46 1.27 -27.17 -9.87
CA ALA A 46 0.76 -28.33 -9.16
C ALA A 46 1.87 -29.35 -8.98
N ALA A 47 1.64 -30.31 -8.09
CA ALA A 47 2.62 -31.35 -7.82
C ALA A 47 3.05 -31.99 -9.13
N PRO A 48 4.34 -32.32 -9.29
CA PRO A 48 5.44 -32.15 -8.33
C PRO A 48 6.01 -30.73 -8.34
N TYR A 49 6.16 -30.13 -7.17
CA TYR A 49 6.67 -28.76 -7.06
C TYR A 49 8.19 -28.71 -7.00
N GLY A 50 8.80 -29.82 -6.59
CA GLY A 50 10.25 -29.89 -6.45
C GLY A 50 10.59 -30.42 -5.08
N VAL A 51 11.73 -31.10 -4.96
CA VAL A 51 12.15 -31.68 -3.70
C VAL A 51 12.11 -30.71 -2.52
N GLY A 52 11.29 -31.05 -1.53
CA GLY A 52 11.15 -30.22 -0.34
C GLY A 52 10.04 -29.19 -0.38
N PHE A 53 9.40 -29.00 -1.54
CA PHE A 53 8.32 -28.01 -1.67
C PHE A 53 6.91 -28.62 -1.65
N ALA A 54 6.00 -27.90 -1.01
CA ALA A 54 4.61 -28.32 -0.92
C ALA A 54 3.72 -27.08 -0.80
N LYS A 55 2.46 -27.24 -1.20
CA LYS A 55 1.52 -26.13 -1.13
C LYS A 55 1.15 -25.95 0.34
N ASN A 56 1.04 -24.70 0.78
CA ASN A 56 0.70 -24.38 2.16
C ASN A 56 -0.47 -23.39 2.13
N GLY A 57 -1.49 -23.75 1.36
CA GLY A 57 -2.64 -22.87 1.21
C GLY A 57 -2.60 -22.34 -0.20
N PRO A 58 -3.47 -21.37 -0.55
CA PRO A 58 -3.52 -20.78 -1.89
C PRO A 58 -2.45 -19.72 -2.12
N THR A 59 -1.69 -19.88 -3.21
CA THR A 59 -0.62 -18.95 -3.57
C THR A 59 0.49 -18.88 -2.51
N ARG A 60 0.60 -19.94 -1.71
CA ARG A 60 1.62 -20.01 -0.68
C ARG A 60 2.20 -21.41 -0.66
N TRP A 61 3.50 -21.52 -0.41
CA TRP A 61 4.16 -22.84 -0.36
C TRP A 61 5.16 -22.90 0.79
N GLN A 62 5.55 -24.12 1.14
CA GLN A 62 6.51 -24.32 2.22
C GLN A 62 7.66 -25.17 1.72
N TYR A 63 8.81 -24.98 2.35
CA TYR A 63 10.01 -25.76 2.06
C TYR A 63 10.29 -26.51 3.36
N LYS A 64 10.49 -27.83 3.27
CA LYS A 64 10.75 -28.63 4.45
C LYS A 64 12.02 -29.44 4.30
N ARG A 65 12.71 -29.63 5.42
CA ARG A 65 13.94 -30.39 5.46
C ARG A 65 13.95 -31.17 6.77
N THR A 66 14.49 -32.39 6.74
CA THR A 66 14.57 -33.19 7.96
C THR A 66 16.01 -33.04 8.44
N ILE A 67 16.16 -32.47 9.63
CA ILE A 67 17.48 -32.24 10.22
C ILE A 67 17.50 -32.84 11.61
N ASN A 68 18.45 -33.74 11.85
CA ASN A 68 18.55 -34.42 13.13
C ASN A 68 17.23 -35.08 13.48
N GLN A 69 16.68 -35.80 12.50
CA GLN A 69 15.43 -36.55 12.63
C GLN A 69 14.17 -35.71 12.89
N VAL A 70 14.24 -34.41 12.65
CA VAL A 70 13.11 -33.53 12.85
C VAL A 70 12.80 -32.76 11.55
N VAL A 71 11.52 -32.69 11.20
CA VAL A 71 11.10 -31.97 10.00
C VAL A 71 11.01 -30.48 10.31
N HIS A 72 11.67 -29.66 9.50
CA HIS A 72 11.63 -28.22 9.69
C HIS A 72 10.90 -27.65 8.50
N ARG A 73 10.10 -26.60 8.74
CA ARG A 73 9.33 -25.96 7.68
C ARG A 73 9.53 -24.45 7.70
N TRP A 74 9.65 -23.87 6.50
CA TRP A 74 9.82 -22.43 6.36
C TRP A 74 8.98 -22.00 5.18
N GLY A 75 8.61 -20.71 5.14
CA GLY A 75 7.85 -20.20 4.02
C GLY A 75 8.82 -20.33 2.84
N SER A 76 8.33 -20.83 1.72
CA SER A 76 9.17 -21.03 0.54
C SER A 76 10.04 -19.87 0.10
N HIS A 77 9.59 -18.63 0.30
CA HIS A 77 10.35 -17.45 -0.10
C HIS A 77 11.28 -16.90 0.98
N THR A 78 11.19 -17.43 2.20
CA THR A 78 11.99 -16.94 3.30
C THR A 78 13.37 -17.58 3.48
N VAL A 79 13.59 -18.74 2.89
CA VAL A 79 14.86 -19.44 3.05
C VAL A 79 16.14 -18.64 2.80
N PRO A 80 16.18 -17.79 1.76
CA PRO A 80 17.41 -17.03 1.52
C PRO A 80 17.85 -16.15 2.70
N PHE A 81 16.90 -15.82 3.57
CA PHE A 81 17.18 -14.95 4.70
C PHE A 81 17.17 -15.61 6.07
N LEU A 82 17.52 -16.89 6.11
CA LEU A 82 17.52 -17.63 7.37
C LEU A 82 18.61 -17.21 8.35
N LEU A 83 19.60 -16.46 7.85
CA LEU A 83 20.70 -15.99 8.71
C LEU A 83 20.47 -14.55 9.18
N GLU A 84 19.35 -13.96 8.75
CA GLU A 84 19.01 -12.58 9.09
C GLU A 84 18.00 -12.50 10.22
N PRO A 85 17.95 -11.37 10.95
CA PRO A 85 16.96 -11.29 12.03
C PRO A 85 15.58 -11.42 11.38
N ASP A 86 14.64 -12.03 12.09
CA ASP A 86 13.29 -12.24 11.57
C ASP A 86 12.35 -11.08 11.88
N ASN A 87 12.89 -10.04 12.52
CA ASN A 87 12.10 -8.89 12.90
C ASN A 87 12.99 -7.77 13.43
N ILE A 88 12.62 -6.53 13.16
CA ILE A 88 13.40 -5.43 13.71
C ILE A 88 12.55 -4.67 14.73
N ASN A 89 12.78 -5.02 15.99
CA ASN A 89 12.07 -4.43 17.12
C ASN A 89 10.61 -4.85 17.12
N GLY A 90 10.33 -6.07 16.71
CA GLY A 90 8.96 -6.56 16.68
C GLY A 90 8.34 -6.45 15.31
N LYS A 91 8.85 -5.53 14.48
CA LYS A 91 8.36 -5.36 13.12
C LYS A 91 8.76 -6.61 12.35
N THR A 92 7.76 -7.44 12.03
CA THR A 92 8.00 -8.69 11.32
C THR A 92 8.58 -8.48 9.93
N CYS A 93 9.64 -9.23 9.62
CA CYS A 93 10.29 -9.14 8.31
C CYS A 93 9.53 -10.08 7.37
N THR A 94 9.40 -9.67 6.12
CA THR A 94 8.68 -10.49 5.14
C THR A 94 9.47 -10.64 3.85
N ALA A 95 9.25 -11.73 3.15
CA ALA A 95 9.91 -12.00 1.87
C ALA A 95 9.14 -11.15 0.86
N SER A 96 9.80 -10.08 0.41
CA SER A 96 9.24 -9.12 -0.53
C SER A 96 9.69 -9.41 -1.97
N HIS A 97 8.73 -9.51 -2.88
CA HIS A 97 9.03 -9.79 -4.29
C HIS A 97 9.32 -8.52 -5.08
N LEU A 98 10.58 -8.31 -5.43
CA LEU A 98 10.96 -7.11 -6.20
C LEU A 98 10.40 -7.23 -7.61
N CYS A 99 10.04 -8.45 -8.00
CA CYS A 99 9.47 -8.70 -9.32
C CYS A 99 7.94 -8.79 -9.26
N HIS A 100 7.39 -8.70 -8.06
CA HIS A 100 5.94 -8.76 -7.85
C HIS A 100 5.31 -9.99 -8.50
N ASN A 101 6.00 -11.12 -8.41
CA ASN A 101 5.52 -12.37 -8.99
C ASN A 101 5.57 -13.44 -7.89
N THR A 102 4.43 -13.70 -7.26
CA THR A 102 4.35 -14.67 -6.16
C THR A 102 4.96 -16.05 -6.40
N ARG A 103 4.74 -16.60 -7.58
CA ARG A 103 5.27 -17.93 -7.89
C ARG A 103 6.79 -17.95 -8.01
N CYS A 104 7.39 -16.80 -8.29
CA CYS A 104 8.83 -16.71 -8.43
C CYS A 104 9.59 -16.89 -7.11
N HIS A 105 10.67 -17.67 -7.17
CA HIS A 105 11.49 -17.92 -5.98
C HIS A 105 12.95 -17.55 -6.22
N ASN A 106 13.21 -16.81 -7.30
CA ASN A 106 14.55 -16.36 -7.64
C ASN A 106 15.01 -15.50 -6.46
N PRO A 107 16.10 -15.90 -5.78
CA PRO A 107 16.56 -15.09 -4.64
C PRO A 107 17.04 -13.69 -5.03
N LEU A 108 17.42 -13.53 -6.29
CA LEU A 108 17.89 -12.24 -6.77
C LEU A 108 16.69 -11.32 -7.00
N HIS A 109 15.49 -11.85 -6.76
CA HIS A 109 14.25 -11.07 -6.91
C HIS A 109 13.55 -10.88 -5.56
N LEU A 110 14.23 -11.25 -4.47
CA LEU A 110 13.64 -11.13 -3.15
C LEU A 110 14.49 -10.29 -2.21
N CYS A 111 13.82 -9.65 -1.25
CA CYS A 111 14.48 -8.88 -0.21
C CYS A 111 13.74 -9.18 1.10
N TRP A 112 14.36 -8.85 2.22
CA TRP A 112 13.81 -9.12 3.55
C TRP A 112 13.45 -7.78 4.18
N GLU A 113 12.15 -7.53 4.34
CA GLU A 113 11.69 -6.25 4.90
C GLU A 113 10.29 -6.30 5.52
N SER A 114 9.92 -5.22 6.20
CA SER A 114 8.61 -5.13 6.84
C SER A 114 7.47 -5.08 5.82
N LEU A 115 6.27 -5.37 6.30
CA LEU A 115 5.07 -5.36 5.46
C LEU A 115 4.88 -4.02 4.77
N ASP A 116 5.12 -2.93 5.50
CA ASP A 116 4.97 -1.57 4.96
C ASP A 116 5.93 -1.30 3.82
N ASP A 117 7.19 -1.70 3.99
CA ASP A 117 8.20 -1.49 2.95
C ASP A 117 7.82 -2.33 1.74
N ASN A 118 7.35 -3.53 2.01
CA ASN A 118 6.89 -4.46 0.99
C ASN A 118 5.73 -3.81 0.20
N LYS A 119 4.68 -3.41 0.90
CA LYS A 119 3.52 -2.80 0.27
C LYS A 119 3.85 -1.57 -0.58
N GLY A 120 4.70 -0.69 -0.04
CA GLY A 120 5.07 0.53 -0.74
C GLY A 120 5.65 0.37 -2.13
N ARG A 121 6.33 -0.75 -2.36
CA ARG A 121 6.94 -1.02 -3.66
C ARG A 121 5.89 -1.11 -4.77
N ASN A 122 4.65 -1.40 -4.37
CA ASN A 122 3.54 -1.52 -5.31
C ASN A 122 3.34 -0.22 -6.11
N TRP A 123 3.72 0.91 -5.51
CA TRP A 123 3.53 2.19 -6.16
C TRP A 123 4.81 2.91 -6.56
N CYS A 124 5.96 2.26 -6.41
CA CYS A 124 7.22 2.89 -6.76
C CYS A 124 7.39 3.15 -8.25
N PRO A 125 7.93 4.33 -8.61
CA PRO A 125 8.14 4.67 -10.03
C PRO A 125 9.13 3.74 -10.74
N GLY A 126 9.95 3.03 -9.97
CA GLY A 126 10.89 2.11 -10.57
C GLY A 126 12.33 2.59 -10.51
N PRO A 127 13.29 1.71 -10.85
CA PRO A 127 14.72 2.06 -10.81
C PRO A 127 15.15 3.15 -11.78
N ASN A 128 14.36 3.40 -12.81
CA ASN A 128 14.70 4.44 -13.78
C ASN A 128 13.70 5.58 -13.73
N GLY A 129 12.77 5.50 -12.79
CA GLY A 129 11.75 6.53 -12.66
C GLY A 129 11.83 7.33 -11.37
N GLY A 130 12.85 7.09 -10.55
CA GLY A 130 12.98 7.85 -9.32
C GLY A 130 12.91 7.05 -8.03
N CYS A 131 13.08 5.73 -8.13
CA CYS A 131 13.05 4.88 -6.95
C CYS A 131 14.06 5.37 -5.91
N VAL A 132 13.63 5.47 -4.65
CA VAL A 132 14.54 5.90 -3.60
C VAL A 132 14.76 4.84 -2.52
N HIS A 133 14.22 3.63 -2.74
CA HIS A 133 14.38 2.53 -1.78
C HIS A 133 15.87 2.21 -1.61
N ALA A 134 16.29 2.03 -0.36
CA ALA A 134 17.69 1.73 -0.05
C ALA A 134 18.10 0.50 -0.85
N VAL A 135 17.24 -0.51 -0.83
CA VAL A 135 17.44 -1.74 -1.57
C VAL A 135 16.57 -1.50 -2.81
N VAL A 136 17.19 -0.98 -3.85
CA VAL A 136 16.51 -0.61 -5.09
C VAL A 136 15.53 -1.63 -5.70
N CYS A 137 14.46 -1.09 -6.26
CA CYS A 137 13.44 -1.89 -6.91
C CYS A 137 14.02 -2.42 -8.22
N LEU A 138 13.53 -3.56 -8.68
CA LEU A 138 13.97 -4.13 -9.95
C LEU A 138 13.05 -3.60 -11.04
N ARG A 139 11.88 -3.14 -10.64
CA ARG A 139 10.91 -2.61 -11.60
C ARG A 139 9.94 -1.60 -11.02
N GLN A 140 9.18 -0.96 -11.90
CA GLN A 140 8.19 0.01 -11.48
C GLN A 140 7.03 -0.77 -10.86
N GLY A 141 6.51 -0.31 -9.72
CA GLY A 141 5.41 -1.01 -9.06
C GLY A 141 4.19 -1.13 -9.95
N PRO A 142 3.44 -2.24 -9.87
CA PRO A 142 2.23 -2.50 -10.67
C PRO A 142 1.11 -1.47 -10.54
N LEU A 143 1.02 -0.83 -9.37
CA LEU A 143 -0.03 0.16 -9.13
C LEU A 143 0.41 1.59 -9.32
N TYR A 144 1.66 1.79 -9.71
CA TYR A 144 2.17 3.15 -9.93
C TYR A 144 1.45 3.80 -11.11
N GLY A 145 1.24 5.10 -11.01
CA GLY A 145 0.57 5.81 -12.09
C GLY A 145 -0.33 6.94 -11.63
N PRO A 146 -1.04 7.59 -12.56
CA PRO A 146 -1.96 8.70 -12.29
C PRO A 146 -3.14 8.31 -11.43
N GLY A 147 -3.49 7.03 -11.45
CA GLY A 147 -4.63 6.56 -10.66
C GLY A 147 -5.94 6.81 -11.40
N ALA A 148 -7.06 6.51 -10.75
CA ALA A 148 -8.37 6.72 -11.36
C ALA A 148 -9.27 7.38 -10.33
N THR A 149 -8.93 8.61 -9.97
CA THR A 149 -9.69 9.36 -8.98
C THR A 149 -10.97 9.95 -9.57
N VAL A 150 -12.11 9.49 -9.06
CA VAL A 150 -13.41 9.95 -9.55
C VAL A 150 -13.65 11.43 -9.26
N ALA A 151 -13.34 11.87 -8.05
CA ALA A 151 -13.55 13.26 -7.69
C ALA A 151 -12.44 13.74 -6.75
N GLY A 152 -11.98 14.96 -6.98
CA GLY A 152 -10.93 15.52 -6.14
C GLY A 152 -11.47 16.41 -5.04
N PRO A 153 -10.58 17.07 -4.27
CA PRO A 153 -10.98 17.96 -3.17
C PRO A 153 -11.79 19.15 -3.71
N GLN A 154 -12.81 19.55 -2.96
CA GLN A 154 -13.65 20.64 -3.39
C GLN A 154 -14.66 20.97 -2.31
N GLN A 155 -15.08 22.23 -2.27
CA GLN A 155 -16.09 22.67 -1.32
C GLN A 155 -17.12 23.51 -2.08
N ARG A 156 -18.35 23.52 -1.59
CA ARG A 156 -19.40 24.28 -2.25
C ARG A 156 -19.43 25.75 -1.77
N GLY A 157 -19.53 25.95 -0.45
CA GLY A 157 -19.54 27.31 0.08
C GLY A 157 -18.12 27.81 0.33
N SER A 158 -17.93 28.59 1.39
CA SER A 158 -16.61 29.10 1.71
C SER A 158 -16.25 28.84 3.16
N HIS A 159 -16.73 27.71 3.69
CA HIS A 159 -16.47 27.34 5.08
C HIS A 159 -15.04 26.90 5.33
N PHE A 160 -14.34 26.45 4.29
CA PHE A 160 -12.98 25.94 4.45
C PHE A 160 -11.86 26.59 3.67
N VAL A 161 -10.63 26.30 4.11
CA VAL A 161 -9.40 26.73 3.46
C VAL A 161 -8.54 25.47 3.47
N VAL A 162 -7.65 25.29 2.50
CA VAL A 162 -6.80 24.11 2.48
C VAL A 162 -5.87 24.12 3.70
N ALA B 1 -33.49 6.36 -4.18
CA ALA B 1 -34.20 6.77 -2.95
C ALA B 1 -34.26 8.29 -2.86
N LEU B 2 -33.10 8.93 -2.66
CA LEU B 2 -33.03 10.38 -2.56
C LEU B 2 -32.78 11.01 -3.93
N THR B 3 -33.42 12.14 -4.20
CA THR B 3 -33.21 12.84 -5.47
C THR B 3 -31.89 13.58 -5.36
N ASN B 4 -31.38 14.04 -6.49
CA ASN B 4 -30.11 14.78 -6.53
C ASN B 4 -30.22 16.07 -5.72
N ALA B 5 -31.40 16.69 -5.73
CA ALA B 5 -31.62 17.94 -5.01
C ALA B 5 -31.60 17.71 -3.50
N GLN B 6 -32.20 16.61 -3.06
CA GLN B 6 -32.22 16.28 -1.64
C GLN B 6 -30.80 16.00 -1.18
N ILE B 7 -30.03 15.33 -2.03
CA ILE B 7 -28.65 15.00 -1.70
C ILE B 7 -27.84 16.28 -1.52
N LEU B 8 -28.06 17.25 -2.41
CA LEU B 8 -27.34 18.51 -2.32
C LEU B 8 -27.59 19.19 -0.97
N ALA B 9 -28.83 19.12 -0.48
CA ALA B 9 -29.18 19.71 0.80
C ALA B 9 -28.43 19.00 1.92
N VAL B 10 -28.21 17.70 1.75
CA VAL B 10 -27.48 16.93 2.74
C VAL B 10 -26.02 17.37 2.77
N ILE B 11 -25.42 17.50 1.59
CA ILE B 11 -24.03 17.92 1.49
C ILE B 11 -23.82 19.31 2.09
N ASP B 12 -24.78 20.19 1.86
CA ASP B 12 -24.68 21.56 2.37
C ASP B 12 -24.77 21.66 3.88
N SER B 13 -25.64 20.86 4.50
CA SER B 13 -25.74 20.91 5.95
C SER B 13 -24.50 20.23 6.53
N TRP B 14 -23.94 19.28 5.80
CA TRP B 14 -22.75 18.58 6.24
C TRP B 14 -21.57 19.56 6.24
N GLU B 15 -21.45 20.35 5.17
CA GLU B 15 -20.37 21.34 5.08
C GLU B 15 -20.47 22.38 6.19
N GLU B 16 -21.70 22.81 6.50
CA GLU B 16 -21.89 23.79 7.55
C GLU B 16 -21.45 23.27 8.92
N THR B 17 -21.82 22.03 9.23
CA THR B 17 -21.45 21.45 10.52
C THR B 17 -19.96 21.18 10.60
N VAL B 18 -19.40 20.60 9.56
CA VAL B 18 -17.97 20.30 9.53
C VAL B 18 -17.16 21.59 9.59
N GLY B 19 -17.76 22.68 9.09
CA GLY B 19 -17.09 23.97 9.09
C GLY B 19 -16.87 24.52 10.48
N GLN B 20 -17.56 23.94 11.47
CA GLN B 20 -17.42 24.38 12.85
C GLN B 20 -16.46 23.49 13.63
N PHE B 21 -15.96 22.44 12.99
CA PHE B 21 -15.01 21.53 13.63
C PHE B 21 -13.74 22.35 13.92
N PRO B 22 -13.10 22.14 15.09
CA PRO B 22 -11.88 22.86 15.44
C PRO B 22 -10.79 22.67 14.37
N VAL B 23 -10.06 23.74 14.07
CA VAL B 23 -9.01 23.70 13.06
C VAL B 23 -7.60 23.56 13.61
N ILE B 24 -6.86 22.64 13.01
CA ILE B 24 -5.48 22.42 13.40
C ILE B 24 -4.63 22.88 12.22
N THR B 25 -3.74 23.82 12.48
CA THR B 25 -2.85 24.34 11.45
C THR B 25 -1.51 23.64 11.66
N HIS B 26 -1.02 22.99 10.61
CA HIS B 26 0.24 22.29 10.74
C HIS B 26 1.05 22.37 9.46
N HIS B 27 2.36 22.14 9.61
CA HIS B 27 3.27 22.19 8.49
C HIS B 27 3.55 20.77 8.03
N VAL B 28 3.63 20.60 6.72
CA VAL B 28 3.86 19.29 6.14
C VAL B 28 4.84 19.37 4.98
N PRO B 29 5.49 18.23 4.66
CA PRO B 29 6.44 18.17 3.55
C PRO B 29 5.66 18.08 2.24
N LEU B 30 6.08 18.85 1.23
CA LEU B 30 5.41 18.84 -0.07
C LEU B 30 6.22 18.08 -1.12
N GLY B 31 7.43 17.67 -0.73
CA GLY B 31 8.32 16.97 -1.64
C GLY B 31 9.49 17.87 -2.00
N GLY B 32 10.66 17.29 -2.25
CA GLY B 32 11.81 18.09 -2.63
C GLY B 32 12.33 19.03 -1.56
N GLY B 33 11.93 18.81 -0.31
CA GLY B 33 12.39 19.66 0.78
C GLY B 33 11.50 20.86 1.08
N LEU B 34 10.51 21.11 0.23
CA LEU B 34 9.61 22.25 0.41
C LEU B 34 8.57 21.98 1.50
N GLN B 35 8.31 22.99 2.32
CA GLN B 35 7.33 22.88 3.40
C GLN B 35 6.07 23.67 3.08
N GLY B 36 4.93 23.16 3.52
CA GLY B 36 3.66 23.83 3.28
C GLY B 36 2.77 23.77 4.50
N THR B 37 1.65 24.48 4.47
CA THR B 37 0.73 24.51 5.60
C THR B 37 -0.63 23.96 5.22
N LEU B 38 -1.22 23.18 6.13
CA LEU B 38 -2.55 22.62 5.90
C LEU B 38 -3.43 22.96 7.10
N HIS B 39 -4.72 23.11 6.84
CA HIS B 39 -5.68 23.41 7.89
C HIS B 39 -6.71 22.28 7.94
N CYS B 40 -6.54 21.37 8.89
CA CYS B 40 -7.43 20.25 9.04
C CYS B 40 -8.57 20.60 9.99
N TYR B 41 -9.80 20.22 9.62
CA TYR B 41 -10.99 20.46 10.42
C TYR B 41 -11.35 19.11 11.04
N GLU B 42 -10.97 18.93 12.30
CA GLU B 42 -11.15 17.67 12.99
C GLU B 42 -12.40 17.44 13.81
N ILE B 43 -13.01 16.28 13.59
CA ILE B 43 -14.21 15.89 14.31
C ILE B 43 -13.81 15.69 15.77
N PRO B 44 -14.64 16.14 16.73
CA PRO B 44 -14.33 15.97 18.15
C PRO B 44 -14.04 14.53 18.53
N LEU B 45 -13.32 14.36 19.63
CA LEU B 45 -12.96 13.02 20.13
C LEU B 45 -14.10 12.44 20.93
N ALA B 46 -14.92 13.32 21.49
CA ALA B 46 -16.04 12.89 22.28
C ALA B 46 -17.26 13.70 21.95
N ALA B 47 -18.41 13.11 22.22
CA ALA B 47 -19.67 13.77 21.98
C ALA B 47 -19.66 15.07 22.78
N PRO B 48 -20.14 16.17 22.19
CA PRO B 48 -20.72 16.42 20.86
C PRO B 48 -19.77 16.53 19.67
N TYR B 49 -20.16 15.73 18.68
CA TYR B 49 -19.49 15.59 17.40
C TYR B 49 -20.03 16.59 16.39
N GLY B 50 -21.27 17.03 16.61
CA GLY B 50 -21.91 17.95 15.71
C GLY B 50 -23.16 17.25 15.20
N VAL B 51 -24.19 18.02 14.89
CA VAL B 51 -25.46 17.46 14.42
C VAL B 51 -25.27 16.44 13.30
N GLY B 52 -25.87 15.26 13.46
CA GLY B 52 -25.77 14.24 12.43
C GLY B 52 -24.57 13.31 12.50
N PHE B 53 -23.57 13.66 13.31
CA PHE B 53 -22.37 12.84 13.41
C PHE B 53 -22.36 11.93 14.62
N ALA B 54 -21.78 10.74 14.44
CA ALA B 54 -21.70 9.77 15.53
C ALA B 54 -20.58 8.78 15.24
N LYS B 55 -20.03 8.20 16.29
CA LYS B 55 -18.97 7.21 16.15
C LYS B 55 -19.54 5.96 15.48
N ASN B 56 -18.71 5.28 14.70
CA ASN B 56 -19.13 4.06 14.03
C ASN B 56 -17.99 3.05 14.07
N GLY B 57 -17.64 2.63 15.29
CA GLY B 57 -16.56 1.67 15.44
C GLY B 57 -15.33 2.28 16.11
N PRO B 58 -14.18 1.58 16.06
CA PRO B 58 -12.91 2.01 16.64
C PRO B 58 -12.55 3.47 16.39
N THR B 59 -12.26 3.82 15.13
CA THR B 59 -11.90 5.19 14.80
C THR B 59 -12.62 5.70 13.54
N ARG B 60 -13.89 5.34 13.41
CA ARG B 60 -14.68 5.77 12.26
C ARG B 60 -15.98 6.42 12.73
N TRP B 61 -16.57 7.24 11.88
CA TRP B 61 -17.81 7.92 12.21
C TRP B 61 -18.74 7.87 11.03
N GLN B 62 -20.00 8.18 11.25
CA GLN B 62 -20.93 8.23 10.14
C GLN B 62 -21.86 9.41 10.30
N TYR B 63 -22.35 9.89 9.17
CA TYR B 63 -23.26 11.00 9.13
C TYR B 63 -24.65 10.40 8.92
N LYS B 64 -25.59 10.81 9.76
CA LYS B 64 -26.94 10.27 9.65
C LYS B 64 -28.00 11.37 9.59
N ARG B 65 -28.92 11.22 8.66
CA ARG B 65 -30.02 12.15 8.48
C ARG B 65 -31.29 11.37 8.22
N THR B 66 -32.38 11.80 8.83
CA THR B 66 -33.67 11.15 8.61
C THR B 66 -34.44 12.07 7.67
N ILE B 67 -34.81 11.55 6.51
CA ILE B 67 -35.52 12.31 5.51
C ILE B 67 -36.84 11.62 5.15
N ASN B 68 -37.95 12.30 5.38
CA ASN B 68 -39.26 11.74 5.09
C ASN B 68 -39.42 10.41 5.81
N GLN B 69 -39.02 10.42 7.09
CA GLN B 69 -39.11 9.26 7.98
C GLN B 69 -38.09 8.15 7.73
N VAL B 70 -37.40 8.20 6.59
CA VAL B 70 -36.41 7.18 6.27
C VAL B 70 -35.02 7.58 6.77
N VAL B 71 -34.37 6.66 7.48
CA VAL B 71 -33.04 6.88 8.04
C VAL B 71 -31.94 6.60 7.01
N HIS B 72 -31.09 7.59 6.80
CA HIS B 72 -29.97 7.47 5.86
C HIS B 72 -28.65 7.65 6.60
N ARG B 73 -27.70 6.77 6.32
CA ARG B 73 -26.39 6.83 6.95
C ARG B 73 -25.29 6.76 5.91
N TRP B 74 -24.25 7.55 6.11
CA TRP B 74 -23.12 7.59 5.19
C TRP B 74 -21.84 7.65 6.00
N GLY B 75 -20.74 7.15 5.43
CA GLY B 75 -19.47 7.24 6.11
C GLY B 75 -19.25 8.74 6.23
N SER B 76 -18.80 9.19 7.39
CA SER B 76 -18.62 10.63 7.61
C SER B 76 -17.78 11.42 6.60
N HIS B 77 -16.79 10.78 5.98
CA HIS B 77 -15.93 11.45 5.00
C HIS B 77 -16.46 11.39 3.57
N THR B 78 -17.47 10.56 3.33
CA THR B 78 -18.02 10.35 1.99
C THR B 78 -19.07 11.32 1.44
N VAL B 79 -19.73 12.08 2.32
CA VAL B 79 -20.80 12.99 1.90
C VAL B 79 -20.52 13.94 0.73
N PRO B 80 -19.33 14.54 0.68
CA PRO B 80 -19.06 15.44 -0.45
C PRO B 80 -19.19 14.79 -1.83
N PHE B 81 -19.10 13.46 -1.87
CA PHE B 81 -19.15 12.73 -3.13
C PHE B 81 -20.42 11.91 -3.40
N LEU B 82 -21.50 12.21 -2.69
CA LEU B 82 -22.74 11.45 -2.88
C LEU B 82 -23.36 11.53 -4.28
N LEU B 83 -22.96 12.49 -5.09
CA LEU B 83 -23.53 12.60 -6.44
C LEU B 83 -22.58 11.99 -7.47
N GLU B 84 -21.43 11.53 -7.02
CA GLU B 84 -20.43 10.94 -7.90
C GLU B 84 -20.57 9.43 -8.03
N PRO B 85 -20.06 8.85 -9.12
CA PRO B 85 -20.17 7.38 -9.25
C PRO B 85 -19.50 6.78 -8.00
N ASP B 86 -19.99 5.64 -7.50
CA ASP B 86 -19.40 5.05 -6.31
C ASP B 86 -18.40 3.92 -6.54
N ASN B 87 -18.04 3.72 -7.80
CA ASN B 87 -17.04 2.70 -8.15
C ASN B 87 -16.38 3.12 -9.46
N ILE B 88 -15.16 2.63 -9.67
CA ILE B 88 -14.38 2.93 -10.86
C ILE B 88 -13.47 1.73 -11.09
N ASN B 89 -13.32 1.33 -12.35
CA ASN B 89 -12.51 0.16 -12.70
C ASN B 89 -13.00 -1.03 -11.88
N GLY B 90 -14.30 -1.05 -11.59
CA GLY B 90 -14.89 -2.13 -10.81
C GLY B 90 -14.55 -2.13 -9.35
N LYS B 91 -13.89 -1.07 -8.89
CA LYS B 91 -13.50 -0.98 -7.48
C LYS B 91 -14.34 0.05 -6.74
N THR B 92 -14.65 -0.23 -5.49
CA THR B 92 -15.44 0.68 -4.66
C THR B 92 -14.65 1.95 -4.35
N CYS B 93 -15.29 3.10 -4.51
CA CYS B 93 -14.63 4.36 -4.24
C CYS B 93 -14.60 4.58 -2.73
N THR B 94 -13.50 5.15 -2.26
CA THR B 94 -13.32 5.41 -0.83
C THR B 94 -12.92 6.87 -0.62
N ALA B 95 -13.25 7.40 0.56
CA ALA B 95 -12.91 8.78 0.92
C ALA B 95 -11.43 8.79 1.27
N SER B 96 -10.61 9.33 0.38
CA SER B 96 -9.17 9.36 0.59
C SER B 96 -8.68 10.68 1.19
N HIS B 97 -7.89 10.58 2.26
CA HIS B 97 -7.35 11.75 2.97
C HIS B 97 -6.04 12.24 2.40
N LEU B 98 -6.07 13.34 1.64
CA LEU B 98 -4.86 13.90 1.08
C LEU B 98 -3.95 14.46 2.18
N CYS B 99 -4.54 14.77 3.32
CA CYS B 99 -3.79 15.28 4.47
C CYS B 99 -3.34 14.12 5.36
N HIS B 100 -3.89 12.93 5.11
CA HIS B 100 -3.57 11.72 5.86
C HIS B 100 -3.95 11.81 7.34
N ASN B 101 -4.94 12.64 7.63
CA ASN B 101 -5.43 12.85 8.99
C ASN B 101 -6.87 12.31 9.08
N THR B 102 -7.02 11.12 9.66
CA THR B 102 -8.33 10.47 9.78
C THR B 102 -9.47 11.32 10.36
N ARG B 103 -9.18 12.12 11.39
CA ARG B 103 -10.19 12.95 12.03
C ARG B 103 -10.61 14.15 11.21
N CYS B 104 -9.81 14.51 10.21
CA CYS B 104 -10.12 15.64 9.37
C CYS B 104 -11.25 15.35 8.40
N HIS B 105 -12.19 16.30 8.29
CA HIS B 105 -13.31 16.15 7.37
C HIS B 105 -13.36 17.32 6.38
N ASN B 106 -12.25 18.05 6.27
CA ASN B 106 -12.15 19.16 5.33
C ASN B 106 -12.27 18.60 3.91
N PRO B 107 -13.33 18.98 3.17
CA PRO B 107 -13.52 18.48 1.80
C PRO B 107 -12.38 18.89 0.86
N LEU B 108 -11.64 19.92 1.24
CA LEU B 108 -10.51 20.38 0.44
C LEU B 108 -9.33 19.42 0.67
N HIS B 109 -9.52 18.47 1.58
CA HIS B 109 -8.47 17.50 1.91
C HIS B 109 -8.88 16.08 1.55
N LEU B 110 -10.01 15.93 0.88
CA LEU B 110 -10.50 14.60 0.52
C LEU B 110 -10.70 14.39 -0.97
N CYS B 111 -10.56 13.14 -1.43
CA CYS B 111 -10.81 12.78 -2.81
C CYS B 111 -11.55 11.43 -2.81
N TRP B 112 -12.18 11.10 -3.94
CA TRP B 112 -12.99 9.88 -4.10
C TRP B 112 -12.31 8.93 -5.08
N GLU B 113 -11.72 7.86 -4.55
CA GLU B 113 -10.99 6.88 -5.36
C GLU B 113 -10.91 5.50 -4.71
N SER B 114 -10.44 4.52 -5.48
CA SER B 114 -10.31 3.15 -4.99
C SER B 114 -9.33 3.05 -3.81
N LEU B 115 -9.50 2.01 -3.00
CA LEU B 115 -8.63 1.80 -1.86
C LEU B 115 -7.15 1.72 -2.26
N ASP B 116 -6.87 1.07 -3.38
CA ASP B 116 -5.49 0.97 -3.84
C ASP B 116 -4.89 2.36 -4.10
N ASP B 117 -5.62 3.21 -4.81
CA ASP B 117 -5.15 4.57 -5.12
C ASP B 117 -4.97 5.35 -3.82
N ASN B 118 -5.90 5.12 -2.89
CA ASN B 118 -5.91 5.74 -1.58
C ASN B 118 -4.62 5.32 -0.88
N LYS B 119 -4.41 4.01 -0.74
CA LYS B 119 -3.21 3.48 -0.08
C LYS B 119 -1.90 4.02 -0.64
N GLY B 120 -1.80 4.07 -1.96
CA GLY B 120 -0.58 4.54 -2.60
C GLY B 120 -0.07 5.93 -2.29
N ARG B 121 -0.97 6.89 -2.06
CA ARG B 121 -0.59 8.27 -1.76
C ARG B 121 0.33 8.36 -0.56
N ASN B 122 0.31 7.28 0.21
CA ASN B 122 1.11 7.15 1.41
C ASN B 122 2.60 7.13 1.15
N TRP B 123 2.96 6.65 -0.03
CA TRP B 123 4.35 6.52 -0.41
C TRP B 123 4.67 7.54 -1.50
N CYS B 124 3.73 8.44 -1.77
CA CYS B 124 3.95 9.43 -2.80
C CYS B 124 4.94 10.51 -2.43
N PRO B 125 5.86 10.86 -3.35
CA PRO B 125 6.87 11.89 -3.11
C PRO B 125 6.30 13.30 -2.87
N GLY B 126 5.02 13.51 -3.23
CA GLY B 126 4.39 14.80 -3.01
C GLY B 126 4.23 15.70 -4.23
N PRO B 127 3.41 16.77 -4.13
CA PRO B 127 3.17 17.71 -5.23
C PRO B 127 4.42 18.41 -5.73
N ASN B 128 5.41 18.52 -4.85
CA ASN B 128 6.66 19.14 -5.18
C ASN B 128 7.82 18.15 -5.32
N GLY B 129 7.50 16.87 -5.32
CA GLY B 129 8.55 15.87 -5.42
C GLY B 129 8.38 14.83 -6.51
N GLY B 130 7.43 15.03 -7.43
CA GLY B 130 7.26 14.06 -8.49
C GLY B 130 5.91 13.38 -8.58
N CYS B 131 4.97 13.80 -7.72
CA CYS B 131 3.63 13.22 -7.72
C CYS B 131 3.04 13.19 -9.13
N VAL B 132 2.57 12.02 -9.56
CA VAL B 132 1.98 11.90 -10.89
C VAL B 132 0.49 11.58 -10.81
N HIS B 133 -0.06 11.62 -9.60
CA HIS B 133 -1.48 11.36 -9.41
C HIS B 133 -2.23 12.46 -10.18
N ALA B 134 -3.18 12.08 -11.03
CA ALA B 134 -3.96 13.04 -11.83
C ALA B 134 -4.65 14.07 -10.92
N VAL B 135 -5.17 13.59 -9.79
CA VAL B 135 -5.76 14.49 -8.82
C VAL B 135 -4.60 14.60 -7.84
N VAL B 136 -3.79 15.64 -8.05
CA VAL B 136 -2.59 15.89 -7.29
C VAL B 136 -2.66 15.75 -5.76
N CYS B 137 -1.59 15.21 -5.19
CA CYS B 137 -1.48 15.03 -3.75
C CYS B 137 -1.30 16.42 -3.12
N LEU B 138 -1.65 16.54 -1.84
CA LEU B 138 -1.52 17.80 -1.11
C LEU B 138 -0.16 17.83 -0.43
N ARG B 139 0.36 16.66 -0.10
CA ARG B 139 1.65 16.59 0.56
C ARG B 139 2.38 15.28 0.26
N GLN B 140 3.62 15.21 0.70
CA GLN B 140 4.42 14.02 0.52
C GLN B 140 3.85 12.98 1.46
N GLY B 141 3.81 11.73 1.00
CA GLY B 141 3.26 10.67 1.84
C GLY B 141 4.10 10.47 3.07
N PRO B 142 3.48 10.14 4.20
CA PRO B 142 4.17 9.91 5.47
C PRO B 142 5.15 8.73 5.45
N LEU B 143 4.89 7.75 4.60
CA LEU B 143 5.74 6.56 4.50
C LEU B 143 6.76 6.61 3.38
N TYR B 144 6.78 7.72 2.65
CA TYR B 144 7.71 7.86 1.55
C TYR B 144 9.16 7.94 2.05
N GLY B 145 10.06 7.28 1.31
CA GLY B 145 11.47 7.27 1.70
C GLY B 145 12.20 6.00 1.31
N PRO B 146 13.47 5.84 1.73
CA PRO B 146 14.31 4.66 1.44
C PRO B 146 13.85 3.32 2.01
N GLY B 147 13.01 3.35 3.04
CA GLY B 147 12.56 2.11 3.66
C GLY B 147 13.56 1.69 4.73
N ALA B 148 13.37 0.50 5.29
CA ALA B 148 14.27 -0.02 6.34
C ALA B 148 14.67 -1.47 6.07
N THR B 149 14.62 -1.86 4.80
CA THR B 149 14.96 -3.20 4.38
C THR B 149 16.14 -3.79 5.13
N VAL B 150 15.97 -4.98 5.70
CA VAL B 150 17.06 -5.59 6.47
C VAL B 150 18.04 -6.44 5.63
N ALA B 151 17.58 -6.95 4.49
CA ALA B 151 18.45 -7.76 3.62
C ALA B 151 17.98 -7.72 2.16
N GLY B 152 18.92 -7.49 1.24
CA GLY B 152 18.59 -7.42 -0.17
C GLY B 152 18.74 -8.75 -0.91
N PRO B 153 18.49 -8.77 -2.23
CA PRO B 153 18.61 -9.99 -3.03
C PRO B 153 20.02 -10.55 -2.95
N GLN B 154 20.12 -11.86 -2.75
CA GLN B 154 21.42 -12.50 -2.63
C GLN B 154 21.34 -14.01 -2.89
N GLN B 155 22.48 -14.58 -3.28
CA GLN B 155 22.58 -15.99 -3.53
C GLN B 155 23.97 -16.45 -3.11
N ARG B 156 24.06 -17.68 -2.61
CA ARG B 156 25.33 -18.21 -2.17
C ARG B 156 26.08 -18.89 -3.32
N GLY B 157 25.32 -19.51 -4.22
CA GLY B 157 25.91 -20.17 -5.37
C GLY B 157 25.85 -19.33 -6.64
N SER B 158 25.69 -19.99 -7.78
CA SER B 158 25.60 -19.31 -9.07
C SER B 158 24.46 -19.86 -9.91
N HIS B 159 23.42 -20.35 -9.25
CA HIS B 159 22.27 -20.91 -9.94
C HIS B 159 21.37 -19.87 -10.60
N PHE B 160 21.41 -18.64 -10.13
CA PHE B 160 20.53 -17.61 -10.67
C PHE B 160 21.13 -16.35 -11.31
N VAL B 161 20.31 -15.73 -12.16
CA VAL B 161 20.63 -14.48 -12.84
C VAL B 161 19.35 -13.66 -12.62
N VAL B 162 19.42 -12.33 -12.59
CA VAL B 162 18.20 -11.52 -12.41
C VAL B 162 17.31 -11.64 -13.63
ZN ZN C . 11.56 1.54 -5.33
ZN ZN D . 10.91 -12.95 -10.18
S SO4 E . 6.54 -16.88 2.32
O1 SO4 E . 6.15 -16.05 1.19
O2 SO4 E . 6.62 -16.05 3.57
O3 SO4 E . 5.56 -18.05 2.58
O4 SO4 E . 7.87 -17.56 2.01
ZN ZN F . 0.70 11.87 -5.43
ZN ZN G . -6.94 17.51 6.65
S SO4 H . -15.53 6.80 5.94
O1 SO4 H . -16.27 8.02 5.68
O2 SO4 H . -14.08 7.12 6.00
O3 SO4 H . -15.95 6.10 7.25
O4 SO4 H . -15.85 5.78 4.86
S SO4 I . 1.25 29.49 9.19
O1 SO4 I . 1.71 30.85 9.01
O2 SO4 I . 2.41 28.61 9.58
O3 SO4 I . 0.12 29.36 10.25
O4 SO4 I . 0.59 29.01 7.88
S SO4 J . 12.04 14.62 -1.10
O1 SO4 J . 13.01 15.17 -2.04
O2 SO4 J . 12.44 13.22 -0.72
O3 SO4 J . 11.88 15.47 0.19
O4 SO4 J . 10.64 14.66 -1.76
#